data_6K4X
#
_entry.id   6K4X
#
_cell.length_a   36.997
_cell.length_b   41.682
_cell.length_c   45.660
_cell.angle_alpha   108.75
_cell.angle_beta   102.79
_cell.angle_gamma   105.86
#
_symmetry.space_group_name_H-M   'P 1'
#
loop_
_entity.id
_entity.type
_entity.pdbx_description
1 polymer Metallo-beta-lactamase
2 non-polymer 'ZINC ION'
3 non-polymer 2-AMINO-2-HYDROXYMETHYL-PROPANE-1,3-DIOL
4 non-polymer '4-azanyl-2-sulfanyl-benzoic acid'
5 non-polymer 'SULFATE ION'
6 water water
#
_entity_poly.entity_id   1
_entity_poly.type   'polypeptide(L)'
_entity_poly.pdbx_seq_one_letter_code
;QDRDWSSPQQPFTIYGNTHYVGTGGISAVLLSSPQGHILVDGTTEKGAQVVAANIRAMGFKLSDVKYILSTHSHEDHAGG
ISAMQKLTGATVLAGAANVDTLRTGVSPKSDPQFGSLSNFPGSAKVRAVADGELVKLGPLAVKAHATPGHTEGGITWTWQ
SCEQGKCKDVVFADSLTAVSADSYRFSDHPEVVASLRGSFEAVEKLSCDIAIAAHPEVNDMWTRQQRAAKEGNSAYVDNG
ACRAIAAAGRKRLETRLASEKR
;
_entity_poly.pdbx_strand_id   A
#
# COMPACT_ATOMS: atom_id res chain seq x y z
N ARG A 3 12.39 9.33 10.24
CA ARG A 3 11.53 8.56 9.30
C ARG A 3 10.54 7.69 10.08
N ASP A 4 9.90 8.28 11.09
CA ASP A 4 8.83 7.62 11.84
CA ASP A 4 8.83 7.61 11.85
C ASP A 4 7.56 7.56 10.99
N TRP A 5 6.64 6.68 11.38
CA TRP A 5 5.46 6.38 10.56
C TRP A 5 4.57 7.59 10.40
N SER A 6 4.62 8.55 11.34
CA SER A 6 3.77 9.73 11.33
C SER A 6 4.53 10.98 10.90
N SER A 7 5.78 10.87 10.52
CA SER A 7 6.64 12.04 10.36
C SER A 7 6.29 12.82 9.10
N PRO A 8 6.40 14.16 9.16
CA PRO A 8 6.35 14.97 7.95
C PRO A 8 7.34 14.49 6.90
N GLN A 9 6.99 14.72 5.64
CA GLN A 9 7.80 14.34 4.49
C GLN A 9 7.37 15.21 3.31
N GLN A 10 8.27 16.01 2.77
CA GLN A 10 7.88 16.90 1.70
C GLN A 10 7.48 16.01 0.52
N PRO A 11 6.30 16.22 -0.08
CA PRO A 11 5.86 15.32 -1.15
C PRO A 11 6.62 15.59 -2.45
N PHE A 12 6.55 14.62 -3.36
CA PHE A 12 7.33 14.69 -4.57
C PHE A 12 6.68 13.82 -5.63
N THR A 13 6.90 14.21 -6.88
CA THR A 13 6.38 13.44 -8.01
C THR A 13 7.36 12.33 -8.36
N ILE A 14 6.88 11.10 -8.48
CA ILE A 14 7.70 9.97 -8.84
C ILE A 14 7.74 9.82 -10.36
N TYR A 15 6.58 9.86 -11.03
CA TYR A 15 6.54 9.76 -12.48
C TYR A 15 5.17 10.23 -12.95
N GLY A 16 5.12 11.14 -13.91
CA GLY A 16 3.85 11.55 -14.47
C GLY A 16 2.92 12.06 -13.39
N ASN A 17 1.75 11.46 -13.28
CA ASN A 17 0.72 11.84 -12.31
C ASN A 17 0.76 10.99 -11.04
N THR A 18 1.87 10.28 -10.77
CA THR A 18 2.06 9.54 -9.54
C THR A 18 2.92 10.37 -8.58
N HIS A 19 2.34 10.71 -7.44
CA HIS A 19 3.00 11.59 -6.45
C HIS A 19 3.09 10.85 -5.11
N TYR A 20 4.24 10.90 -4.45
CA TYR A 20 4.36 10.44 -3.10
C TYR A 20 3.88 11.53 -2.16
N VAL A 21 2.89 11.18 -1.31
CA VAL A 21 2.30 12.10 -0.38
C VAL A 21 2.28 11.52 1.04
N GLY A 22 3.00 10.42 1.28
CA GLY A 22 3.04 9.78 2.58
C GLY A 22 3.96 10.48 3.57
N THR A 23 4.21 9.77 4.67
CA THR A 23 5.07 10.22 5.74
C THR A 23 6.50 9.80 5.46
N GLY A 24 7.40 10.13 6.38
CA GLY A 24 8.78 9.70 6.24
C GLY A 24 8.92 8.19 6.28
N GLY A 25 7.97 7.51 6.93
CA GLY A 25 8.10 6.09 7.17
C GLY A 25 7.05 5.23 6.52
N ILE A 26 5.94 5.81 6.01
CA ILE A 26 4.87 4.98 5.42
C ILE A 26 4.47 5.61 4.10
N SER A 27 4.40 4.78 3.04
CA SER A 27 4.02 5.29 1.76
C SER A 27 2.53 5.63 1.70
N ALA A 28 2.25 6.71 0.97
CA ALA A 28 0.92 7.00 0.46
C ALA A 28 1.14 7.67 -0.88
N VAL A 29 0.27 7.37 -1.85
CA VAL A 29 0.44 7.88 -3.18
C VAL A 29 -0.85 8.56 -3.63
N LEU A 30 -0.69 9.71 -4.28
CA LEU A 30 -1.79 10.33 -4.98
C LEU A 30 -1.61 10.14 -6.47
N LEU A 31 -2.61 9.55 -7.10
CA LEU A 31 -2.67 9.42 -8.54
C LEU A 31 -3.65 10.47 -9.03
N SER A 32 -3.16 11.50 -9.71
CA SER A 32 -3.94 12.71 -9.96
C SER A 32 -4.52 12.72 -11.38
N SER A 33 -5.63 13.46 -11.51
CA SER A 33 -6.14 13.77 -12.82
C SER A 33 -6.95 15.05 -12.75
N PRO A 34 -7.18 15.72 -13.89
CA PRO A 34 -8.06 16.89 -13.92
C PRO A 34 -9.51 16.57 -13.51
N GLN A 35 -9.91 15.31 -13.48
CA GLN A 35 -11.27 14.92 -13.16
C GLN A 35 -11.38 14.37 -11.75
N GLY A 36 -10.29 14.35 -11.00
CA GLY A 36 -10.29 13.82 -9.65
C GLY A 36 -9.19 12.80 -9.45
N HIS A 37 -8.95 12.47 -8.17
CA HIS A 37 -7.75 11.78 -7.77
C HIS A 37 -8.06 10.51 -6.99
N ILE A 38 -7.08 9.61 -6.98
CA ILE A 38 -7.12 8.40 -6.17
C ILE A 38 -5.95 8.47 -5.19
N LEU A 39 -6.23 8.20 -3.91
CA LEU A 39 -5.22 8.11 -2.87
C LEU A 39 -5.03 6.65 -2.51
N VAL A 40 -3.77 6.22 -2.42
CA VAL A 40 -3.46 4.88 -1.96
C VAL A 40 -2.85 4.99 -0.57
N ASP A 41 -3.58 4.45 0.41
CA ASP A 41 -3.26 4.35 1.82
C ASP A 41 -3.40 5.69 2.54
N GLY A 42 -3.46 5.62 3.87
CA GLY A 42 -3.66 6.79 4.71
C GLY A 42 -2.54 7.05 5.71
N THR A 43 -1.57 6.13 5.84
CA THR A 43 -0.57 6.15 6.90
C THR A 43 -1.28 6.01 8.25
N THR A 44 -0.69 6.59 9.30
CA THR A 44 -1.20 6.47 10.64
C THR A 44 -2.27 7.52 10.90
N GLU A 45 -2.95 7.41 12.04
CA GLU A 45 -3.93 8.38 12.44
C GLU A 45 -3.30 9.78 12.47
N LYS A 46 -2.15 9.92 13.15
CA LYS A 46 -1.46 11.21 13.20
C LYS A 46 -1.00 11.59 11.78
N GLY A 47 -0.60 10.59 11.00
CA GLY A 47 -0.10 10.80 9.65
C GLY A 47 -1.13 11.37 8.70
N ALA A 48 -2.43 11.18 8.97
CA ALA A 48 -3.43 11.73 8.06
C ALA A 48 -3.23 13.23 7.87
N GLN A 49 -2.84 13.94 8.93
CA GLN A 49 -2.65 15.40 8.81
C GLN A 49 -1.49 15.72 7.88
N VAL A 50 -0.47 14.84 7.87
CA VAL A 50 0.66 14.97 6.97
C VAL A 50 0.21 14.72 5.52
N VAL A 51 -0.50 13.61 5.30
CA VAL A 51 -0.96 13.27 3.98
C VAL A 51 -1.84 14.39 3.41
N ALA A 52 -2.76 14.91 4.23
CA ALA A 52 -3.66 15.97 3.77
C ALA A 52 -2.87 17.21 3.34
N ALA A 53 -1.94 17.64 4.19
CA ALA A 53 -1.14 18.81 3.86
C ALA A 53 -0.30 18.55 2.60
N ASN A 54 0.20 17.32 2.46
CA ASN A 54 1.02 16.95 1.34
C ASN A 54 0.23 17.03 0.04
N ILE A 55 -1.01 16.54 0.05
CA ILE A 55 -1.83 16.60 -1.15
C ILE A 55 -2.02 18.07 -1.55
N ARG A 56 -2.34 18.91 -0.58
CA ARG A 56 -2.50 20.35 -0.87
CA ARG A 56 -2.49 20.35 -0.86
C ARG A 56 -1.19 20.95 -1.39
N ALA A 57 -0.06 20.55 -0.80
CA ALA A 57 1.23 21.08 -1.23
C ALA A 57 1.53 20.73 -2.68
N MET A 58 0.97 19.63 -3.19
CA MET A 58 1.13 19.24 -4.59
C MET A 58 0.10 19.93 -5.48
N GLY A 59 -0.70 20.82 -4.91
CA GLY A 59 -1.60 21.68 -5.68
C GLY A 59 -3.01 21.15 -5.80
N PHE A 60 -3.36 20.08 -5.08
CA PHE A 60 -4.63 19.41 -5.26
C PHE A 60 -5.58 19.72 -4.11
N LYS A 61 -6.88 19.54 -4.37
CA LYS A 61 -7.91 19.71 -3.36
C LYS A 61 -8.34 18.36 -2.79
N LEU A 62 -8.49 18.31 -1.47
CA LEU A 62 -8.93 17.08 -0.82
C LEU A 62 -10.29 16.64 -1.36
N SER A 63 -11.18 17.59 -1.66
CA SER A 63 -12.52 17.26 -2.09
C SER A 63 -12.52 16.57 -3.47
N ASP A 64 -11.40 16.67 -4.19
CA ASP A 64 -11.27 16.02 -5.48
C ASP A 64 -10.73 14.59 -5.38
N VAL A 65 -10.38 14.12 -4.18
CA VAL A 65 -9.99 12.73 -3.99
C VAL A 65 -11.26 11.88 -3.89
N LYS A 66 -11.44 10.97 -4.84
CA LYS A 66 -12.71 10.27 -4.97
C LYS A 66 -12.66 8.84 -4.41
N TYR A 67 -11.48 8.23 -4.41
CA TYR A 67 -11.30 6.88 -3.87
C TYR A 67 -10.05 6.88 -3.01
N ILE A 68 -10.10 6.12 -1.91
CA ILE A 68 -8.92 5.80 -1.12
C ILE A 68 -8.78 4.28 -1.20
N LEU A 69 -7.65 3.82 -1.67
CA LEU A 69 -7.36 2.41 -1.84
C LEU A 69 -6.53 1.94 -0.67
N SER A 70 -6.88 0.80 -0.07
CA SER A 70 -6.16 0.25 1.07
C SER A 70 -5.32 -0.93 0.63
N THR A 71 -4.04 -0.94 0.99
CA THR A 71 -3.21 -2.16 0.85
C THR A 71 -3.65 -3.20 1.89
N HIS A 72 -3.42 -2.89 3.18
CA HIS A 72 -3.91 -3.75 4.22
C HIS A 72 -4.21 -2.98 5.48
N SER A 73 -4.97 -3.65 6.36
CA SER A 73 -5.69 -3.05 7.47
C SER A 73 -4.91 -3.18 8.79
N HIS A 74 -3.70 -2.60 8.82
CA HIS A 74 -2.99 -2.38 10.07
C HIS A 74 -2.82 -0.88 10.26
N GLU A 75 -2.63 -0.48 11.52
CA GLU A 75 -2.67 0.92 11.93
C GLU A 75 -1.65 1.78 11.19
N ASP A 76 -0.51 1.23 10.79
CA ASP A 76 0.51 2.03 10.13
C ASP A 76 0.12 2.45 8.71
N HIS A 77 -0.65 1.62 7.99
CA HIS A 77 -1.05 1.95 6.62
C HIS A 77 -2.45 2.55 6.56
N ALA A 78 -3.33 2.08 7.45
CA ALA A 78 -4.77 2.34 7.40
C ALA A 78 -5.23 3.27 8.52
N GLY A 79 -4.38 3.56 9.49
CA GLY A 79 -4.80 4.36 10.63
C GLY A 79 -5.32 5.72 10.25
N GLY A 80 -4.81 6.29 9.14
CA GLY A 80 -5.20 7.60 8.70
C GLY A 80 -6.37 7.59 7.72
N ILE A 81 -6.82 6.41 7.29
CA ILE A 81 -7.82 6.35 6.26
C ILE A 81 -9.12 7.00 6.71
N SER A 82 -9.56 6.72 7.94
CA SER A 82 -10.86 7.24 8.36
C SER A 82 -10.88 8.77 8.29
N ALA A 83 -9.82 9.39 8.80
CA ALA A 83 -9.72 10.83 8.81
C ALA A 83 -9.69 11.36 7.37
N MET A 84 -8.90 10.72 6.50
CA MET A 84 -8.83 11.13 5.11
C MET A 84 -10.20 10.95 4.41
N GLN A 85 -10.92 9.88 4.75
CA GLN A 85 -12.25 9.64 4.17
C GLN A 85 -13.18 10.80 4.53
N LYS A 86 -13.14 11.24 5.79
CA LYS A 86 -13.98 12.36 6.25
CA LYS A 86 -14.03 12.33 6.18
C LYS A 86 -13.59 13.65 5.52
N LEU A 87 -12.30 13.90 5.37
CA LEU A 87 -11.83 15.16 4.76
C LEU A 87 -12.18 15.20 3.28
N THR A 88 -12.23 14.05 2.60
CA THR A 88 -12.33 14.00 1.15
C THR A 88 -13.76 13.68 0.69
N GLY A 89 -14.50 12.90 1.48
CA GLY A 89 -15.75 12.29 1.04
C GLY A 89 -15.55 11.05 0.20
N ALA A 90 -14.32 10.56 0.06
CA ALA A 90 -13.99 9.45 -0.83
C ALA A 90 -14.64 8.15 -0.35
N THR A 91 -14.73 7.22 -1.29
CA THR A 91 -15.06 5.83 -1.01
C THR A 91 -13.77 5.07 -0.78
N VAL A 92 -13.74 4.22 0.24
CA VAL A 92 -12.58 3.41 0.58
C VAL A 92 -12.75 2.03 -0.03
N LEU A 93 -11.75 1.55 -0.78
CA LEU A 93 -11.81 0.26 -1.43
C LEU A 93 -10.74 -0.66 -0.87
N ALA A 94 -11.10 -1.92 -0.65
CA ALA A 94 -10.23 -2.87 -0.01
C ALA A 94 -10.57 -4.28 -0.44
N GLY A 95 -9.64 -5.20 -0.17
CA GLY A 95 -9.93 -6.60 -0.33
C GLY A 95 -11.05 -7.03 0.58
N ALA A 96 -11.87 -7.99 0.12
CA ALA A 96 -13.10 -8.38 0.79
C ALA A 96 -12.88 -8.70 2.27
N ALA A 97 -11.82 -9.45 2.58
CA ALA A 97 -11.63 -9.94 3.94
C ALA A 97 -11.10 -8.85 4.88
N ASN A 98 -10.68 -7.71 4.37
CA ASN A 98 -10.21 -6.61 5.23
C ASN A 98 -11.27 -5.51 5.41
N VAL A 99 -12.42 -5.62 4.72
CA VAL A 99 -13.45 -4.58 4.84
C VAL A 99 -13.86 -4.37 6.30
N ASP A 100 -14.17 -5.47 7.00
CA ASP A 100 -14.67 -5.33 8.34
CA ASP A 100 -14.68 -5.31 8.36
C ASP A 100 -13.61 -4.70 9.26
N THR A 101 -12.34 -5.04 9.04
CA THR A 101 -11.28 -4.49 9.82
C THR A 101 -11.19 -2.99 9.60
N LEU A 102 -11.31 -2.54 8.35
CA LEU A 102 -11.24 -1.10 8.09
C LEU A 102 -12.44 -0.37 8.70
N ARG A 103 -13.61 -1.01 8.73
CA ARG A 103 -14.78 -0.38 9.28
CA ARG A 103 -14.83 -0.45 9.27
C ARG A 103 -14.69 -0.26 10.78
N THR A 104 -14.10 -1.25 11.46
CA THR A 104 -14.10 -1.26 12.94
C THR A 104 -12.76 -0.78 13.51
N GLY A 105 -11.69 -0.90 12.73
CA GLY A 105 -10.34 -0.64 13.19
C GLY A 105 -9.77 -1.71 14.10
N VAL A 106 -10.32 -2.93 14.04
CA VAL A 106 -9.89 -4.03 14.88
C VAL A 106 -9.61 -5.23 13.97
N SER A 107 -8.38 -5.73 13.99
CA SER A 107 -7.99 -6.88 13.20
C SER A 107 -8.49 -8.17 13.85
N PRO A 108 -8.90 -9.16 13.05
CA PRO A 108 -9.48 -10.39 13.56
C PRO A 108 -8.44 -11.45 13.90
N LYS A 109 -8.94 -12.53 14.51
CA LYS A 109 -8.07 -13.56 15.09
C LYS A 109 -7.33 -14.35 14.01
N SER A 110 -7.77 -14.29 12.76
CA SER A 110 -7.06 -14.94 11.66
C SER A 110 -5.72 -14.25 11.39
N ASP A 111 -5.56 -12.99 11.80
CA ASP A 111 -4.32 -12.25 11.50
C ASP A 111 -3.21 -12.86 12.32
N PRO A 112 -2.06 -13.26 11.72
CA PRO A 112 -0.96 -13.80 12.50
C PRO A 112 -0.50 -12.91 13.65
N GLN A 113 -0.65 -11.58 13.52
CA GLN A 113 -0.27 -10.66 14.59
C GLN A 113 -1.36 -10.48 15.64
N PHE A 114 -2.52 -11.11 15.50
CA PHE A 114 -3.58 -10.94 16.47
C PHE A 114 -3.08 -11.27 17.88
N GLY A 115 -3.34 -10.35 18.80
CA GLY A 115 -2.81 -10.40 20.16
C GLY A 115 -1.80 -9.29 20.39
N SER A 116 -1.25 -8.76 19.29
CA SER A 116 -0.15 -7.82 19.37
CA SER A 116 -0.16 -7.80 19.39
C SER A 116 -0.43 -6.55 18.56
N LEU A 117 -1.62 -6.43 17.96
CA LEU A 117 -1.92 -5.30 17.08
C LEU A 117 -2.61 -4.19 17.89
N SER A 118 -2.38 -2.95 17.46
CA SER A 118 -3.09 -1.82 18.03
C SER A 118 -4.26 -1.46 17.12
N ASN A 119 -5.41 -1.16 17.72
CA ASN A 119 -6.57 -0.74 16.99
C ASN A 119 -6.35 0.65 16.37
N PHE A 120 -7.18 0.99 15.41
CA PHE A 120 -7.09 2.27 14.77
C PHE A 120 -8.51 2.76 14.45
N PRO A 121 -8.68 4.01 14.01
CA PRO A 121 -10.04 4.51 13.83
C PRO A 121 -10.76 3.82 12.66
N GLY A 122 -12.00 3.40 12.91
CA GLY A 122 -12.82 2.80 11.89
C GLY A 122 -13.23 3.83 10.85
N SER A 123 -13.35 3.39 9.60
CA SER A 123 -13.72 4.26 8.51
CA SER A 123 -13.70 4.21 8.45
C SER A 123 -15.16 4.01 8.05
N ALA A 124 -15.79 5.08 7.54
CA ALA A 124 -17.00 5.01 6.77
C ALA A 124 -16.71 4.66 5.30
N LYS A 125 -17.76 4.23 4.59
CA LYS A 125 -17.78 4.12 3.14
C LYS A 125 -16.74 3.11 2.63
N VAL A 126 -16.62 1.98 3.30
CA VAL A 126 -15.70 0.95 2.87
C VAL A 126 -16.45 -0.05 1.99
N ARG A 127 -15.85 -0.38 0.85
CA ARG A 127 -16.42 -1.33 -0.10
C ARG A 127 -15.35 -2.32 -0.55
N ALA A 128 -15.76 -3.53 -0.92
CA ALA A 128 -14.85 -4.57 -1.37
C ALA A 128 -14.59 -4.46 -2.87
N VAL A 129 -13.37 -4.84 -3.26
CA VAL A 129 -13.00 -5.12 -4.63
C VAL A 129 -12.44 -6.54 -4.72
N ALA A 130 -12.56 -7.14 -5.92
CA ALA A 130 -12.10 -8.49 -6.18
C ALA A 130 -10.73 -8.48 -6.85
N ASP A 131 -10.05 -9.62 -6.80
CA ASP A 131 -8.83 -9.83 -7.54
C ASP A 131 -9.07 -9.50 -9.02
N GLY A 132 -8.18 -8.71 -9.60
CA GLY A 132 -8.24 -8.37 -11.01
C GLY A 132 -9.15 -7.20 -11.34
N GLU A 133 -9.88 -6.67 -10.36
CA GLU A 133 -10.89 -5.65 -10.64
C GLU A 133 -10.25 -4.30 -10.95
N LEU A 134 -10.84 -3.58 -11.90
CA LEU A 134 -10.42 -2.24 -12.25
C LEU A 134 -11.22 -1.18 -11.49
N VAL A 135 -10.51 -0.21 -10.93
CA VAL A 135 -11.07 0.99 -10.34
C VAL A 135 -10.83 2.13 -11.32
N LYS A 136 -11.91 2.75 -11.80
CA LYS A 136 -11.76 3.80 -12.79
CA LYS A 136 -11.84 3.78 -12.83
C LYS A 136 -12.29 5.12 -12.24
N LEU A 137 -11.57 6.18 -12.59
CA LEU A 137 -11.97 7.54 -12.26
CA LEU A 137 -12.02 7.51 -12.30
C LEU A 137 -11.51 8.43 -13.40
N GLY A 138 -12.44 8.93 -14.21
CA GLY A 138 -12.04 9.68 -15.38
C GLY A 138 -11.03 8.87 -16.19
N PRO A 139 -9.83 9.42 -16.48
CA PRO A 139 -8.85 8.69 -17.25
C PRO A 139 -8.00 7.71 -16.45
N LEU A 140 -8.19 7.65 -15.12
CA LEU A 140 -7.43 6.78 -14.25
C LEU A 140 -8.00 5.38 -14.26
N ALA A 141 -7.11 4.39 -14.22
CA ALA A 141 -7.49 2.99 -14.20
C ALA A 141 -6.51 2.21 -13.33
N VAL A 142 -6.93 1.81 -12.15
CA VAL A 142 -6.10 1.13 -11.18
C VAL A 142 -6.62 -0.30 -11.01
N LYS A 143 -5.73 -1.29 -11.11
N LYS A 143 -5.71 -1.28 -11.06
CA LYS A 143 -6.14 -2.68 -10.98
CA LYS A 143 -6.10 -2.68 -10.97
C LYS A 143 -5.79 -3.18 -9.57
C LYS A 143 -5.74 -3.25 -9.59
N ALA A 144 -6.71 -3.95 -8.98
CA ALA A 144 -6.52 -4.62 -7.72
C ALA A 144 -5.94 -6.01 -7.97
N HIS A 145 -4.91 -6.36 -7.24
CA HIS A 145 -4.33 -7.72 -7.23
C HIS A 145 -4.37 -8.26 -5.81
N ALA A 146 -5.10 -9.36 -5.61
CA ALA A 146 -5.12 -9.98 -4.30
C ALA A 146 -3.71 -10.46 -3.95
N THR A 147 -3.21 -9.98 -2.82
CA THR A 147 -1.92 -10.42 -2.30
C THR A 147 -2.07 -10.71 -0.81
N PRO A 148 -2.83 -11.75 -0.46
CA PRO A 148 -3.05 -12.12 0.93
C PRO A 148 -1.80 -12.75 1.58
N GLY A 149 -1.87 -12.86 2.89
CA GLY A 149 -0.90 -13.58 3.65
C GLY A 149 -0.49 -12.84 4.88
N HIS A 150 -0.01 -11.61 4.72
CA HIS A 150 0.18 -10.67 5.85
C HIS A 150 -1.18 -10.32 6.48
N THR A 151 -2.19 -10.19 5.62
CA THR A 151 -3.58 -10.09 6.02
C THR A 151 -4.39 -10.82 4.95
N GLU A 152 -5.61 -11.25 5.29
CA GLU A 152 -6.36 -12.00 4.31
C GLU A 152 -6.82 -11.13 3.14
N GLY A 153 -7.08 -9.83 3.40
CA GLY A 153 -7.62 -8.96 2.35
C GLY A 153 -6.59 -8.04 1.72
N GLY A 154 -5.30 -8.38 1.81
CA GLY A 154 -4.26 -7.52 1.24
C GLY A 154 -4.42 -7.35 -0.26
N ILE A 155 -4.24 -6.12 -0.74
CA ILE A 155 -4.30 -5.81 -2.15
C ILE A 155 -3.05 -5.02 -2.53
N THR A 156 -2.45 -5.43 -3.65
CA THR A 156 -1.42 -4.69 -4.36
C THR A 156 -2.06 -4.02 -5.58
N TRP A 157 -1.80 -2.73 -5.78
CA TRP A 157 -2.53 -1.91 -6.73
C TRP A 157 -1.60 -1.53 -7.87
N THR A 158 -2.08 -1.54 -9.11
CA THR A 158 -1.22 -1.23 -10.25
C THR A 158 -1.91 -0.28 -11.23
N TRP A 159 -1.10 0.52 -11.91
CA TRP A 159 -1.59 1.46 -12.88
C TRP A 159 -0.45 1.86 -13.82
N GLN A 160 -0.78 2.70 -14.80
CA GLN A 160 0.21 3.24 -15.70
C GLN A 160 0.22 4.75 -15.58
N SER A 161 1.42 5.33 -15.52
CA SER A 161 1.57 6.77 -15.56
C SER A 161 2.48 7.12 -16.73
N CYS A 162 2.23 8.29 -17.35
CA CYS A 162 2.89 8.63 -18.57
C CYS A 162 3.35 10.09 -18.53
N GLU A 163 4.42 10.35 -19.27
CA GLU A 163 4.97 11.70 -19.49
C GLU A 163 5.15 11.90 -20.99
N GLN A 164 4.30 12.72 -21.63
CA GLN A 164 4.38 13.00 -23.07
C GLN A 164 4.44 11.66 -23.82
N GLY A 165 3.60 10.71 -23.40
CA GLY A 165 3.41 9.46 -24.12
C GLY A 165 4.43 8.37 -23.79
N LYS A 166 5.38 8.64 -22.90
CA LYS A 166 6.32 7.62 -22.43
C LYS A 166 5.80 7.09 -21.09
N CYS A 167 5.36 5.85 -21.07
CA CYS A 167 4.57 5.31 -19.97
C CYS A 167 5.35 4.27 -19.18
N LYS A 168 4.99 4.13 -17.90
CA LYS A 168 5.59 3.17 -17.01
C LYS A 168 4.50 2.50 -16.20
N ASP A 169 4.72 1.22 -15.91
CA ASP A 169 3.85 0.47 -15.04
C ASP A 169 4.28 0.68 -13.59
N VAL A 170 3.35 1.20 -12.79
CA VAL A 170 3.58 1.51 -11.39
C VAL A 170 2.83 0.50 -10.53
N VAL A 171 3.50 0.02 -9.48
CA VAL A 171 2.96 -0.95 -8.54
C VAL A 171 3.08 -0.37 -7.13
N PHE A 172 1.96 -0.28 -6.42
CA PHE A 172 1.97 0.01 -4.99
C PHE A 172 1.87 -1.32 -4.28
N ALA A 173 3.01 -1.78 -3.78
CA ALA A 173 3.16 -3.17 -3.33
C ALA A 173 2.75 -3.29 -1.86
N ASP A 174 1.73 -4.11 -1.62
CA ASP A 174 1.38 -4.46 -0.25
C ASP A 174 2.53 -5.23 0.40
N SER A 175 2.52 -5.22 1.74
CA SER A 175 3.44 -6.03 2.55
C SER A 175 3.20 -7.51 2.33
N LEU A 176 4.31 -8.25 2.19
CA LEU A 176 4.30 -9.70 1.99
C LEU A 176 5.00 -10.41 3.14
N THR A 177 4.99 -9.80 4.33
CA THR A 177 5.86 -10.21 5.43
C THR A 177 5.13 -11.18 6.37
N ALA A 178 5.82 -12.27 6.68
CA ALA A 178 5.42 -13.24 7.71
C ALA A 178 5.92 -12.72 9.06
N VAL A 179 5.00 -12.19 9.84
CA VAL A 179 5.29 -11.65 11.20
C VAL A 179 4.10 -12.04 12.07
N SER A 180 4.33 -12.27 13.35
CA SER A 180 3.24 -12.76 14.18
C SER A 180 3.43 -12.38 15.63
N ALA A 181 2.36 -12.61 16.39
CA ALA A 181 2.43 -12.65 17.84
C ALA A 181 3.30 -13.84 18.27
N ASP A 182 3.79 -13.77 19.51
CA ASP A 182 4.63 -14.82 20.09
C ASP A 182 3.89 -16.16 20.12
N SER A 183 2.56 -16.15 20.25
CA SER A 183 1.75 -17.36 20.41
C SER A 183 1.40 -18.04 19.09
N TYR A 184 1.86 -17.49 17.95
CA TYR A 184 1.42 -17.98 16.63
C TYR A 184 2.51 -18.80 15.93
N ARG A 185 2.11 -19.94 15.39
CA ARG A 185 2.99 -20.81 14.64
C ARG A 185 2.53 -20.86 13.18
N PHE A 186 3.33 -20.34 12.26
CA PHE A 186 2.94 -20.34 10.86
C PHE A 186 2.77 -21.78 10.36
N SER A 187 3.62 -22.68 10.85
CA SER A 187 3.60 -24.05 10.41
C SER A 187 2.27 -24.75 10.76
N ASP A 188 1.47 -24.18 11.65
CA ASP A 188 0.19 -24.74 12.02
C ASP A 188 -0.94 -24.16 11.16
N HIS A 189 -0.65 -23.20 10.27
CA HIS A 189 -1.67 -22.41 9.58
C HIS A 189 -1.45 -22.50 8.08
N PRO A 190 -1.88 -23.61 7.45
CA PRO A 190 -1.55 -23.81 6.04
C PRO A 190 -2.20 -22.79 5.09
N GLU A 191 -3.36 -22.25 5.46
CA GLU A 191 -3.98 -21.28 4.59
C GLU A 191 -3.11 -20.01 4.50
N VAL A 192 -2.56 -19.56 5.62
CA VAL A 192 -1.74 -18.37 5.59
C VAL A 192 -0.47 -18.64 4.79
N VAL A 193 0.18 -19.78 5.03
CA VAL A 193 1.37 -20.12 4.28
C VAL A 193 1.08 -20.17 2.77
N ALA A 194 -0.01 -20.84 2.40
CA ALA A 194 -0.33 -20.94 1.00
C ALA A 194 -0.63 -19.55 0.41
N SER A 195 -1.31 -18.71 1.18
CA SER A 195 -1.65 -17.37 0.70
C SER A 195 -0.39 -16.55 0.45
N LEU A 196 0.54 -16.59 1.40
CA LEU A 196 1.79 -15.87 1.25
C LEU A 196 2.50 -16.36 -0.02
N ARG A 197 2.58 -17.69 -0.18
CA ARG A 197 3.32 -18.24 -1.33
C ARG A 197 2.65 -17.84 -2.64
N GLY A 198 1.33 -17.89 -2.69
CA GLY A 198 0.64 -17.42 -3.89
C GLY A 198 0.92 -15.96 -4.17
N SER A 199 1.04 -15.15 -3.12
CA SER A 199 1.31 -13.73 -3.28
C SER A 199 2.73 -13.46 -3.78
N PHE A 200 3.71 -14.19 -3.29
CA PHE A 200 5.04 -14.03 -3.84
C PHE A 200 5.03 -14.31 -5.34
N GLU A 201 4.33 -15.36 -5.75
CA GLU A 201 4.26 -15.73 -7.16
CA GLU A 201 4.25 -15.74 -7.16
C GLU A 201 3.55 -14.64 -7.96
N ALA A 202 2.45 -14.11 -7.43
CA ALA A 202 1.72 -13.08 -8.17
C ALA A 202 2.59 -11.84 -8.34
N VAL A 203 3.24 -11.41 -7.26
CA VAL A 203 3.98 -10.16 -7.29
C VAL A 203 5.20 -10.26 -8.20
N GLU A 204 5.88 -11.41 -8.19
CA GLU A 204 7.08 -11.56 -9.03
C GLU A 204 6.68 -11.70 -10.51
N LYS A 205 5.40 -11.83 -10.85
CA LYS A 205 4.95 -11.85 -12.25
C LYS A 205 4.39 -10.49 -12.72
N LEU A 206 4.17 -9.54 -11.81
CA LEU A 206 3.58 -8.25 -12.22
C LEU A 206 4.48 -7.53 -13.21
N SER A 207 3.85 -6.87 -14.18
CA SER A 207 4.48 -5.79 -14.95
CA SER A 207 4.54 -5.82 -14.92
C SER A 207 4.83 -4.66 -13.97
N CYS A 208 6.11 -4.31 -13.84
CA CYS A 208 6.55 -3.54 -12.67
C CYS A 208 7.76 -2.64 -12.96
N ASP A 209 7.57 -1.49 -13.59
CA ASP A 209 8.66 -0.57 -13.86
C ASP A 209 9.03 0.20 -12.59
N ILE A 210 8.04 0.67 -11.85
CA ILE A 210 8.26 1.49 -10.64
C ILE A 210 7.47 0.84 -9.53
N ALA A 211 8.16 0.32 -8.51
CA ALA A 211 7.50 -0.23 -7.34
C ALA A 211 7.61 0.75 -6.18
N ILE A 212 6.48 1.02 -5.55
CA ILE A 212 6.39 1.81 -4.35
C ILE A 212 5.88 0.86 -3.28
N ALA A 213 6.75 0.49 -2.33
CA ALA A 213 6.36 -0.47 -1.29
C ALA A 213 5.68 0.26 -0.14
N ALA A 214 4.69 -0.41 0.47
CA ALA A 214 3.92 0.20 1.54
C ALA A 214 4.84 0.73 2.66
N HIS A 215 5.85 -0.05 3.04
CA HIS A 215 7.00 0.45 3.77
C HIS A 215 8.05 0.88 2.76
N PRO A 216 8.27 2.19 2.57
CA PRO A 216 8.98 2.65 1.37
C PRO A 216 10.42 2.14 1.25
N GLU A 217 11.05 1.89 2.38
CA GLU A 217 12.44 1.42 2.37
C GLU A 217 12.53 -0.01 1.81
N VAL A 218 11.43 -0.75 1.72
CA VAL A 218 11.47 -2.06 1.17
C VAL A 218 12.03 -2.03 -0.26
N ASN A 219 11.71 -1.00 -1.04
CA ASN A 219 12.34 -0.81 -2.36
C ASN A 219 13.23 0.44 -2.35
N ASP A 220 13.88 0.70 -1.22
CA ASP A 220 14.95 1.69 -1.15
C ASP A 220 14.48 3.07 -1.63
N MET A 221 13.29 3.50 -1.23
CA MET A 221 12.75 4.78 -1.73
C MET A 221 13.71 5.94 -1.48
N TRP A 222 14.30 6.00 -0.29
CA TRP A 222 15.04 7.20 0.08
C TRP A 222 16.40 7.24 -0.62
N THR A 223 17.06 6.10 -0.77
CA THR A 223 18.23 6.02 -1.64
C THR A 223 17.87 6.42 -3.07
N ARG A 224 16.75 5.92 -3.59
CA ARG A 224 16.33 6.27 -4.96
C ARG A 224 16.05 7.76 -5.08
N GLN A 225 15.39 8.35 -4.10
CA GLN A 225 15.06 9.76 -4.19
C GLN A 225 16.37 10.57 -4.23
N GLN A 226 17.35 10.19 -3.43
CA GLN A 226 18.66 10.88 -3.42
CA GLN A 226 18.61 10.92 -3.45
C GLN A 226 19.32 10.73 -4.80
N ARG A 227 19.25 9.53 -5.38
CA ARG A 227 19.78 9.31 -6.72
C ARG A 227 19.05 10.20 -7.74
N ALA A 228 17.74 10.38 -7.57
CA ALA A 228 16.92 11.13 -8.52
C ALA A 228 17.35 12.60 -8.59
N ALA A 229 17.94 13.12 -7.52
CA ALA A 229 18.34 14.53 -7.52
C ALA A 229 19.25 14.82 -8.71
N LYS A 230 20.14 13.88 -9.08
CA LYS A 230 20.95 14.08 -10.28
C LYS A 230 20.44 13.23 -11.44
N GLU A 231 19.99 11.98 -11.22
CA GLU A 231 19.74 11.19 -12.41
CA GLU A 231 19.63 11.01 -12.25
C GLU A 231 18.30 11.39 -12.93
N GLY A 232 17.46 12.15 -12.20
CA GLY A 232 16.02 12.29 -12.57
C GLY A 232 15.22 11.04 -12.18
N ASN A 233 13.97 10.97 -12.63
CA ASN A 233 13.02 10.01 -12.04
C ASN A 233 13.24 8.60 -12.58
N SER A 234 14.18 8.41 -13.51
CA SER A 234 14.64 7.08 -13.80
C SER A 234 15.20 6.39 -12.55
N ALA A 235 15.62 7.15 -11.53
CA ALA A 235 16.13 6.51 -10.30
C ALA A 235 15.06 5.63 -9.64
N TYR A 236 13.76 5.92 -9.87
CA TYR A 236 12.68 5.13 -9.27
C TYR A 236 12.38 3.88 -10.07
N VAL A 237 12.88 3.81 -11.31
CA VAL A 237 12.58 2.79 -12.24
C VAL A 237 13.53 1.63 -12.00
N ASP A 238 12.97 0.45 -11.89
CA ASP A 238 13.74 -0.78 -11.73
C ASP A 238 12.76 -1.94 -11.92
N ASN A 239 12.78 -2.54 -13.10
CA ASN A 239 11.74 -3.48 -13.47
C ASN A 239 11.95 -4.85 -12.81
N GLY A 240 12.97 -4.98 -11.96
CA GLY A 240 13.12 -6.14 -11.12
C GLY A 240 12.62 -5.92 -9.70
N ALA A 241 12.07 -4.75 -9.38
CA ALA A 241 11.78 -4.43 -7.99
C ALA A 241 10.69 -5.32 -7.41
N CYS A 242 9.63 -5.63 -8.17
CA CYS A 242 8.61 -6.49 -7.63
C CYS A 242 9.14 -7.91 -7.42
N ARG A 243 10.01 -8.40 -8.33
CA ARG A 243 10.64 -9.69 -8.14
C ARG A 243 11.43 -9.70 -6.85
N ALA A 244 12.11 -8.59 -6.56
CA ALA A 244 12.92 -8.50 -5.35
C ALA A 244 12.06 -8.45 -4.08
N ILE A 245 10.97 -7.69 -4.10
CA ILE A 245 10.06 -7.64 -2.94
C ILE A 245 9.51 -9.05 -2.67
N ALA A 246 9.13 -9.76 -3.72
CA ALA A 246 8.63 -11.11 -3.59
C ALA A 246 9.70 -12.04 -3.01
N ALA A 247 10.93 -11.93 -3.53
CA ALA A 247 12.02 -12.78 -3.06
C ALA A 247 12.28 -12.53 -1.58
N ALA A 248 12.24 -11.28 -1.15
CA ALA A 248 12.48 -10.99 0.27
C ALA A 248 11.35 -11.56 1.12
N GLY A 249 10.12 -11.48 0.62
CA GLY A 249 8.98 -12.08 1.31
C GLY A 249 9.17 -13.58 1.47
N ARG A 250 9.57 -14.25 0.39
CA ARG A 250 9.81 -15.68 0.41
C ARG A 250 10.91 -16.03 1.41
N LYS A 251 12.00 -15.25 1.42
CA LYS A 251 13.09 -15.51 2.32
C LYS A 251 12.65 -15.35 3.78
N ARG A 252 11.84 -14.33 4.06
CA ARG A 252 11.39 -14.12 5.42
C ARG A 252 10.51 -15.30 5.87
N LEU A 253 9.64 -15.77 5.00
CA LEU A 253 8.82 -16.92 5.37
C LEU A 253 9.67 -18.18 5.52
N GLU A 254 10.62 -18.41 4.62
CA GLU A 254 11.41 -19.63 4.73
C GLU A 254 12.26 -19.61 6.00
N THR A 255 12.83 -18.45 6.32
CA THR A 255 13.57 -18.32 7.56
C THR A 255 12.67 -18.64 8.75
N ARG A 256 11.46 -18.10 8.75
CA ARG A 256 10.50 -18.31 9.84
C ARG A 256 10.13 -19.78 9.98
N LEU A 257 9.79 -20.44 8.87
CA LEU A 257 9.36 -21.84 8.94
C LEU A 257 10.53 -22.67 9.49
N ALA A 258 11.76 -22.38 9.05
CA ALA A 258 12.93 -23.12 9.57
C ALA A 258 13.05 -22.92 11.08
N SER A 259 12.80 -21.71 11.57
CA SER A 259 12.93 -21.36 13.00
CA SER A 259 12.94 -21.39 12.99
C SER A 259 11.88 -22.11 13.83
N GLU A 260 10.80 -22.56 13.21
CA GLU A 260 9.69 -23.22 13.91
C GLU A 260 9.87 -24.74 13.99
N LYS A 261 10.81 -25.29 13.24
CA LYS A 261 10.99 -26.73 13.25
C LYS A 261 11.37 -27.21 14.64
N ARG A 262 10.79 -28.35 15.02
CA ARG A 262 10.90 -28.84 16.38
C ARG A 262 12.37 -29.00 16.76
#